data_9FAY
#
_entry.id   9FAY
#
_cell.length_a   52.878
_cell.length_b   74.481
_cell.length_c   68.359
_cell.angle_alpha   90.00
_cell.angle_beta   102.63
_cell.angle_gamma   90.00
#
_symmetry.space_group_name_H-M   'P 1 21 1'
#
loop_
_entity.id
_entity.type
_entity.pdbx_description
1 polymer 'Lysosomal acid glucosylceramidase'
2 branched 2-acetamido-2-deoxy-beta-D-glucopyranose-(1-4)-2-acetamido-2-deoxy-beta-D-glucopyranose
3 non-polymer 2-acetamido-2-deoxy-beta-D-glucopyranose
4 non-polymer 'POTASSIUM ION'
5 non-polymer DI(HYDROXYETHYL)ETHER
6 non-polymer 1,2-ETHANEDIOL
7 non-polymer 'SULFATE ION'
8 non-polymer ~{N}-[(2~{S})-2-azanyl-2-phenyl-ethyl]-3,5-bis(fluoranyl)-~{N}-methyl-benzenesulfonamide
9 water water
#
_entity_poly.entity_id   1
_entity_poly.type   'polypeptide(L)'
_entity_poly.pdbx_seq_one_letter_code
;MEFSSPSREECPKPLSRVSIMAGSLTGLLLLQAVSWASGARPCIPKSFGYSSVVCVCNATYCDSFDPPTFPALGTFSRYE
STRSGRRMELSMGPIQANHTGTGLLLTLQPEQKFQKVKGFGGAMTDAAALNILALSPPAQNLLLKSYFSEEGIGYNIIRV
PMASCDFSIRTYTYADTPDDFQLHNFSLPEEDTKLKIPLIHRALQLAQRPVSLLASPWTSPTWLKTNGAVNGKGSLKGQP
GDIYHQTWARYFVKFLDAYAEHKLQFWAVTAENEPSAGLLSGYPFQCLGFTPEHQRDFIARDLGPTLANSTHHNVRLLML
DDQRLLLPHWAKVVLTDPEAAKYVHGIAVHWYLDFLAPAKATLGETHRLFPNTMLFASEACVGSKFWEQSVRLGSWDRGM
QYSHSIITNLLYHVVGWTDWNLALNPEGGPNWVRNFVDSPIIVDITKDTFYKQPMFYHLGHFSKFIPEGSQRVGLVASQK
NDLDAVALMHPDGSAVVVVLNRSSKDVPLTIKDPAVGFLETISPGYSIHTYLWRRQHHHHHHHHHH
;
_entity_poly.pdbx_strand_id   A
#
loop_
_chem_comp.id
_chem_comp.type
_chem_comp.name
_chem_comp.formula
A1IBR non-polymer ~{N}-[(2~{S})-2-azanyl-2-phenyl-ethyl]-3,5-bis(fluoranyl)-~{N}-methyl-benzenesulfonamide 'C15 H16 F2 N2 O2 S'
EDO non-polymer 1,2-ETHANEDIOL 'C2 H6 O2'
K non-polymer 'POTASSIUM ION' 'K 1'
NAG D-saccharide, beta linking 2-acetamido-2-deoxy-beta-D-glucopyranose 'C8 H15 N O6'
PEG non-polymer DI(HYDROXYETHYL)ETHER 'C4 H10 O3'
SO4 non-polymer 'SULFATE ION' 'O4 S -2'
#
# COMPACT_ATOMS: atom_id res chain seq x y z
N ALA A 40 -22.58 0.48 -11.89
CA ALA A 40 -23.07 -0.56 -12.82
C ALA A 40 -23.67 -1.73 -12.02
N ARG A 41 -22.99 -2.29 -11.01
CA ARG A 41 -23.64 -3.29 -10.16
C ARG A 41 -23.43 -2.89 -8.70
N PRO A 42 -24.53 -2.78 -7.93
CA PRO A 42 -24.42 -2.37 -6.52
C PRO A 42 -23.90 -3.46 -5.56
N CYS A 43 -23.40 -3.02 -4.41
CA CYS A 43 -23.03 -3.87 -3.32
C CYS A 43 -24.20 -4.77 -2.92
N ILE A 44 -23.95 -6.08 -2.78
CA ILE A 44 -24.81 -7.03 -2.09
CA ILE A 44 -24.89 -6.94 -2.06
C ILE A 44 -24.36 -7.07 -0.63
N PRO A 45 -25.06 -6.40 0.30
CA PRO A 45 -24.54 -6.31 1.65
C PRO A 45 -24.82 -7.57 2.47
N LYS A 46 -23.89 -7.89 3.36
CA LYS A 46 -24.10 -8.92 4.36
C LYS A 46 -23.46 -8.49 5.68
N SER A 47 -24.17 -8.77 6.76
CA SER A 47 -23.73 -8.46 8.10
C SER A 47 -23.19 -9.71 8.78
N PHE A 48 -22.07 -9.55 9.50
CA PHE A 48 -21.55 -10.63 10.35
C PHE A 48 -21.56 -10.19 11.83
N GLY A 49 -22.33 -9.17 12.14
CA GLY A 49 -22.54 -8.68 13.52
C GLY A 49 -21.55 -7.61 13.97
N TYR A 50 -20.69 -7.15 13.07
CA TYR A 50 -19.81 -6.00 13.34
C TYR A 50 -20.56 -4.73 12.94
N SER A 51 -19.87 -3.60 12.92
CA SER A 51 -20.59 -2.32 12.90
C SER A 51 -21.19 -2.04 11.52
N SER A 52 -20.67 -2.66 10.48
CA SER A 52 -21.17 -2.39 9.13
C SER A 52 -21.20 -3.69 8.35
N VAL A 53 -21.27 -3.57 7.04
CA VAL A 53 -21.54 -4.72 6.19
C VAL A 53 -20.31 -4.96 5.31
N VAL A 54 -20.20 -6.19 4.81
CA VAL A 54 -19.31 -6.48 3.69
C VAL A 54 -20.17 -6.51 2.42
N CYS A 55 -19.50 -6.41 1.27
CA CYS A 55 -20.18 -6.64 0.02
C CYS A 55 -19.78 -8.04 -0.48
N VAL A 56 -20.76 -8.82 -0.87
CA VAL A 56 -20.57 -10.23 -1.21
C VAL A 56 -20.43 -10.38 -2.71
N CYS A 57 -19.34 -11.03 -3.09
CA CYS A 57 -19.10 -11.38 -4.50
C CYS A 57 -18.90 -12.89 -4.63
N ASN A 58 -19.13 -13.40 -5.83
CA ASN A 58 -19.08 -14.86 -6.05
C ASN A 58 -18.87 -15.11 -7.55
N ALA A 59 -19.18 -16.29 -8.03
CA ALA A 59 -18.82 -16.63 -9.41
C ALA A 59 -19.70 -15.91 -10.42
N THR A 60 -20.85 -15.32 -10.01
CA THR A 60 -21.79 -14.72 -11.00
C THR A 60 -22.06 -13.25 -10.67
N TYR A 61 -21.47 -12.70 -9.64
CA TYR A 61 -21.85 -11.35 -9.23
C TYR A 61 -20.73 -10.70 -8.45
N CYS A 62 -20.42 -9.45 -8.80
CA CYS A 62 -19.66 -8.59 -7.92
C CYS A 62 -20.07 -7.13 -8.18
N ASP A 63 -20.00 -6.31 -7.17
CA ASP A 63 -20.28 -4.87 -7.34
C ASP A 63 -19.17 -4.25 -8.20
N SER A 64 -19.54 -3.34 -9.07
CA SER A 64 -18.60 -2.73 -10.00
C SER A 64 -19.11 -1.35 -10.41
N PHE A 65 -18.20 -0.53 -10.91
CA PHE A 65 -18.54 0.78 -11.47
C PHE A 65 -18.71 0.74 -13.00
N ASP A 66 -19.47 1.69 -13.50
CA ASP A 66 -19.41 2.00 -14.93
C ASP A 66 -18.02 2.53 -15.30
N PRO A 67 -17.68 2.49 -16.59
CA PRO A 67 -16.40 3.07 -16.98
C PRO A 67 -16.29 4.53 -16.49
N PRO A 68 -15.11 4.95 -16.05
CA PRO A 68 -15.00 6.25 -15.40
C PRO A 68 -15.18 7.39 -16.41
N THR A 69 -16.04 8.35 -16.07
CA THR A 69 -16.19 9.62 -16.81
C THR A 69 -16.31 10.76 -15.79
N PHE A 70 -15.85 11.95 -16.18
CA PHE A 70 -16.01 13.16 -15.35
C PHE A 70 -17.33 13.87 -15.67
N PRO A 71 -17.90 14.55 -14.68
CA PRO A 71 -19.07 15.40 -14.96
C PRO A 71 -18.65 16.59 -15.83
N ALA A 72 -19.57 17.19 -16.59
CA ALA A 72 -19.26 18.40 -17.37
C ALA A 72 -18.82 19.52 -16.41
N LEU A 73 -18.07 20.47 -16.97
CA LEU A 73 -17.65 21.66 -16.24
C LEU A 73 -18.87 22.27 -15.55
N GLY A 74 -18.74 22.64 -14.28
CA GLY A 74 -19.85 23.26 -13.52
C GLY A 74 -20.63 22.26 -12.67
N THR A 75 -20.27 20.99 -12.75
CA THR A 75 -20.90 19.89 -11.98
C THR A 75 -19.78 19.19 -11.18
N PHE A 76 -20.06 18.71 -9.99
CA PHE A 76 -19.10 17.84 -9.29
C PHE A 76 -19.68 16.45 -9.12
N SER A 77 -18.79 15.46 -9.01
CA SER A 77 -19.12 14.06 -8.66
C SER A 77 -18.81 13.85 -7.16
N ARG A 78 -19.67 13.11 -6.48
CA ARG A 78 -19.47 12.73 -5.10
C ARG A 78 -19.65 11.21 -5.02
N TYR A 79 -18.64 10.53 -4.48
CA TYR A 79 -18.77 9.12 -4.14
C TYR A 79 -18.86 9.00 -2.62
N GLU A 80 -19.86 8.28 -2.12
CA GLU A 80 -20.14 8.25 -0.71
C GLU A 80 -20.17 6.80 -0.20
N SER A 81 -19.45 6.56 0.90
CA SER A 81 -19.61 5.29 1.63
C SER A 81 -19.99 5.64 3.06
N THR A 82 -20.85 4.82 3.67
CA THR A 82 -21.30 5.07 5.03
C THR A 82 -21.33 3.78 5.83
N ARG A 83 -21.17 3.93 7.14
CA ARG A 83 -21.35 2.84 8.04
C ARG A 83 -22.74 2.18 7.87
N SER A 84 -23.76 3.00 7.63
CA SER A 84 -25.12 2.51 7.43
C SER A 84 -25.23 1.63 6.17
N GLY A 85 -24.24 1.65 5.26
CA GLY A 85 -24.16 0.64 4.21
C GLY A 85 -23.95 1.14 2.81
N ARG A 86 -23.91 2.45 2.57
CA ARG A 86 -23.63 2.95 1.22
C ARG A 86 -22.19 2.59 0.87
N ARG A 87 -21.95 2.16 -0.37
CA ARG A 87 -20.64 1.72 -0.79
C ARG A 87 -20.26 2.41 -2.11
N MET A 88 -19.52 3.50 -1.97
CA MET A 88 -19.00 4.27 -3.14
C MET A 88 -20.12 4.61 -4.12
N GLU A 89 -21.24 5.08 -3.58
CA GLU A 89 -22.38 5.47 -4.40
C GLU A 89 -22.14 6.84 -5.01
N LEU A 90 -22.42 6.95 -6.31
CA LEU A 90 -22.20 8.19 -7.09
C LEU A 90 -23.44 9.08 -7.08
N SER A 91 -23.22 10.35 -6.77
CA SER A 91 -24.22 11.37 -6.99
C SER A 91 -23.50 12.62 -7.53
N MET A 92 -24.29 13.53 -8.11
CA MET A 92 -23.72 14.74 -8.71
C MET A 92 -24.43 15.98 -8.17
N GLY A 93 -23.69 17.08 -8.16
CA GLY A 93 -24.20 18.34 -7.70
C GLY A 93 -23.63 19.50 -8.50
N PRO A 94 -24.22 20.68 -8.38
CA PRO A 94 -23.79 21.90 -9.05
C PRO A 94 -22.66 22.56 -8.26
N ILE A 95 -21.73 23.14 -9.00
CA ILE A 95 -20.77 24.06 -8.46
C ILE A 95 -21.41 25.44 -8.58
N GLN A 96 -21.49 26.16 -7.47
CA GLN A 96 -22.25 27.36 -7.43
C GLN A 96 -21.31 28.57 -7.40
N ALA A 97 -21.78 29.66 -7.99
CA ALA A 97 -20.99 30.91 -8.06
C ALA A 97 -20.86 31.54 -6.65
N ASN A 98 -21.90 31.37 -5.82
CA ASN A 98 -22.06 32.12 -4.59
C ASN A 98 -22.14 31.20 -3.37
N HIS A 99 -21.76 31.76 -2.23
CA HIS A 99 -21.88 31.11 -0.95
C HIS A 99 -22.09 32.17 0.14
N THR A 100 -23.09 31.94 0.98
CA THR A 100 -23.32 32.75 2.19
C THR A 100 -23.34 31.84 3.41
N GLY A 101 -23.04 32.35 4.60
CA GLY A 101 -23.13 31.52 5.80
C GLY A 101 -21.86 31.57 6.62
N THR A 102 -21.99 31.26 7.91
CA THR A 102 -20.83 31.22 8.78
C THR A 102 -20.42 29.77 9.04
N GLY A 103 -20.84 28.82 8.18
CA GLY A 103 -20.51 27.44 8.41
C GLY A 103 -19.09 27.10 7.95
N LEU A 104 -18.69 25.86 8.18
CA LEU A 104 -17.34 25.37 7.82
C LEU A 104 -17.09 25.53 6.32
N LEU A 105 -15.98 26.19 6.01
CA LEU A 105 -15.52 26.35 4.67
C LEU A 105 -14.13 25.70 4.56
N LEU A 106 -13.97 24.82 3.58
CA LEU A 106 -12.66 24.26 3.20
C LEU A 106 -12.27 24.90 1.87
N THR A 107 -11.22 25.73 1.87
CA THR A 107 -10.85 26.46 0.68
C THR A 107 -9.64 25.76 0.04
N LEU A 108 -9.82 25.30 -1.19
CA LEU A 108 -8.79 24.65 -1.95
C LEU A 108 -7.66 25.65 -2.17
N GLN A 109 -6.41 25.16 -2.05
CA GLN A 109 -5.21 25.98 -2.32
C GLN A 109 -4.49 25.36 -3.51
N PRO A 110 -5.07 25.52 -4.71
CA PRO A 110 -4.57 24.79 -5.89
C PRO A 110 -3.11 25.10 -6.20
N GLU A 111 -2.62 26.32 -5.85
CA GLU A 111 -1.23 26.71 -6.19
C GLU A 111 -0.24 26.41 -5.04
N GLN A 112 -0.76 25.92 -3.90
CA GLN A 112 0.13 25.50 -2.82
C GLN A 112 0.36 24.00 -3.02
N LYS A 113 1.54 23.69 -3.60
CA LYS A 113 1.78 22.33 -4.09
C LYS A 113 2.70 21.55 -3.15
N PHE A 114 2.39 20.29 -2.93
CA PHE A 114 3.21 19.42 -2.13
C PHE A 114 3.76 18.28 -3.01
N GLN A 115 3.67 17.05 -2.54
CA GLN A 115 4.30 15.92 -3.19
C GLN A 115 3.47 15.40 -4.37
N LYS A 116 4.19 14.83 -5.32
CA LYS A 116 3.57 14.06 -6.41
C LYS A 116 3.30 12.62 -5.93
N VAL A 117 2.21 12.03 -6.40
CA VAL A 117 1.75 10.75 -5.94
C VAL A 117 2.21 9.64 -6.90
N LYS A 118 2.81 8.62 -6.33
CA LYS A 118 3.18 7.42 -7.07
C LYS A 118 1.97 6.51 -7.25
N GLY A 119 1.26 6.24 -6.15
CA GLY A 119 0.03 5.45 -6.27
C GLY A 119 -0.30 4.62 -5.05
N PHE A 120 -1.14 3.59 -5.32
CA PHE A 120 -1.81 2.79 -4.29
C PHE A 120 -1.85 1.34 -4.74
N GLY A 121 -1.71 0.44 -3.79
CA GLY A 121 -1.86 -0.98 -4.13
C GLY A 121 -1.78 -1.88 -2.91
N GLY A 122 -1.34 -3.12 -3.17
CA GLY A 122 -1.26 -4.13 -2.11
C GLY A 122 -0.23 -5.22 -2.46
N ALA A 123 -0.13 -6.24 -1.60
CA ALA A 123 0.96 -7.21 -1.70
C ALA A 123 0.49 -8.56 -2.24
N MET A 124 1.16 -9.04 -3.26
CA MET A 124 0.97 -10.41 -3.80
C MET A 124 1.88 -11.38 -3.04
N THR A 125 1.51 -11.66 -1.80
CA THR A 125 2.15 -12.67 -1.00
C THR A 125 1.72 -14.06 -1.47
N ASP A 126 2.45 -15.07 -0.99
CA ASP A 126 2.05 -16.46 -1.27
C ASP A 126 0.64 -16.69 -0.73
N ALA A 127 0.34 -16.19 0.45
CA ALA A 127 -1.00 -16.35 1.04
C ALA A 127 -2.08 -15.70 0.14
N ALA A 128 -1.83 -14.48 -0.35
CA ALA A 128 -2.80 -13.81 -1.23
C ALA A 128 -3.00 -14.61 -2.51
N ALA A 129 -1.90 -15.06 -3.11
CA ALA A 129 -1.99 -15.82 -4.35
C ALA A 129 -2.76 -17.13 -4.12
N LEU A 130 -2.49 -17.82 -3.03
CA LEU A 130 -3.18 -19.10 -2.75
C LEU A 130 -4.69 -18.87 -2.55
N ASN A 131 -5.03 -17.82 -1.87
CA ASN A 131 -6.44 -17.52 -1.61
C ASN A 131 -7.15 -17.14 -2.91
N ILE A 132 -6.55 -16.27 -3.70
CA ILE A 132 -7.16 -15.89 -4.95
C ILE A 132 -7.35 -17.12 -5.84
N LEU A 133 -6.33 -17.95 -6.00
CA LEU A 133 -6.41 -19.07 -6.95
C LEU A 133 -7.26 -20.24 -6.43
N ALA A 134 -7.64 -20.21 -5.15
CA ALA A 134 -8.52 -21.20 -4.55
C ALA A 134 -9.99 -20.94 -4.96
N LEU A 135 -10.25 -19.73 -5.47
CA LEU A 135 -11.56 -19.38 -6.03
C LEU A 135 -11.70 -19.94 -7.45
N SER A 136 -12.94 -20.07 -7.88
CA SER A 136 -13.26 -20.47 -9.27
C SER A 136 -12.71 -19.40 -10.21
N PRO A 137 -12.36 -19.78 -11.42
CA PRO A 137 -11.91 -18.76 -12.38
C PRO A 137 -12.80 -17.52 -12.52
N PRO A 138 -14.12 -17.65 -12.59
CA PRO A 138 -14.93 -16.43 -12.56
C PRO A 138 -14.78 -15.55 -11.32
N ALA A 139 -14.78 -16.17 -10.14
CA ALA A 139 -14.65 -15.39 -8.95
C ALA A 139 -13.24 -14.77 -8.90
N GLN A 140 -12.20 -15.51 -9.31
CA GLN A 140 -10.85 -14.96 -9.38
C GLN A 140 -10.86 -13.66 -10.18
N ASN A 141 -11.56 -13.68 -11.32
CA ASN A 141 -11.54 -12.56 -12.25
C ASN A 141 -12.23 -11.35 -11.61
N LEU A 142 -13.36 -11.62 -10.95
CA LEU A 142 -14.08 -10.54 -10.32
C LEU A 142 -13.27 -9.93 -9.16
N LEU A 143 -12.48 -10.75 -8.46
CA LEU A 143 -11.64 -10.25 -7.38
C LEU A 143 -10.54 -9.35 -7.98
N LEU A 144 -9.83 -9.85 -8.99
CA LEU A 144 -8.76 -9.04 -9.61
C LEU A 144 -9.35 -7.77 -10.23
N LYS A 145 -10.51 -7.83 -10.86
CA LYS A 145 -11.15 -6.61 -11.41
C LYS A 145 -11.48 -5.63 -10.30
N SER A 146 -11.89 -6.12 -9.13
CA SER A 146 -12.21 -5.28 -8.04
C SER A 146 -11.01 -4.37 -7.71
N TYR A 147 -9.81 -4.94 -7.72
CA TYR A 147 -8.66 -4.15 -7.34
C TYR A 147 -8.05 -3.40 -8.54
N PHE A 148 -7.95 -4.02 -9.70
CA PHE A 148 -7.04 -3.58 -10.80
C PHE A 148 -7.77 -2.94 -11.98
N SER A 149 -9.07 -3.08 -12.13
CA SER A 149 -9.66 -2.50 -13.31
C SER A 149 -10.30 -1.14 -12.99
N GLU A 150 -10.63 -0.40 -14.06
CA GLU A 150 -11.38 0.85 -13.91
C GLU A 150 -12.83 0.56 -13.48
N GLU A 151 -13.30 -0.69 -13.59
CA GLU A 151 -14.62 -1.05 -13.07
CA GLU A 151 -14.62 -1.05 -13.06
C GLU A 151 -14.50 -1.39 -11.56
N GLY A 152 -13.26 -1.37 -11.04
CA GLY A 152 -12.96 -1.49 -9.62
C GLY A 152 -12.24 -0.26 -9.09
N ILE A 153 -11.22 -0.43 -8.25
CA ILE A 153 -10.65 0.75 -7.53
C ILE A 153 -9.27 1.13 -8.05
N GLY A 154 -8.83 0.58 -9.19
CA GLY A 154 -7.73 1.18 -9.98
C GLY A 154 -6.36 1.14 -9.29
N TYR A 155 -6.03 0.10 -8.51
CA TYR A 155 -4.65 -0.11 -7.99
C TYR A 155 -3.60 -0.04 -9.11
N ASN A 156 -2.48 0.60 -8.80
CA ASN A 156 -1.37 0.66 -9.74
C ASN A 156 -0.04 0.23 -9.08
N ILE A 157 -0.06 -0.33 -7.88
CA ILE A 157 1.15 -0.87 -7.21
C ILE A 157 0.91 -2.30 -6.73
N ILE A 158 1.89 -3.16 -6.99
CA ILE A 158 1.90 -4.48 -6.37
C ILE A 158 3.26 -4.74 -5.71
N ARG A 159 3.24 -5.04 -4.41
CA ARG A 159 4.46 -5.42 -3.71
C ARG A 159 4.61 -6.95 -3.76
N VAL A 160 5.82 -7.39 -4.10
CA VAL A 160 6.16 -8.78 -4.39
C VAL A 160 7.26 -9.20 -3.41
N PRO A 161 6.93 -10.07 -2.44
CA PRO A 161 8.04 -10.61 -1.65
C PRO A 161 9.06 -11.38 -2.50
N MET A 162 10.33 -11.22 -2.15
CA MET A 162 11.41 -12.03 -2.69
C MET A 162 11.52 -13.29 -1.83
N ALA A 163 10.86 -14.34 -2.33
CA ALA A 163 10.76 -15.66 -1.69
C ALA A 163 9.83 -15.57 -0.47
N SER A 164 10.08 -16.40 0.54
CA SER A 164 9.05 -16.65 1.54
C SER A 164 9.01 -15.59 2.65
N CYS A 165 7.81 -15.46 3.23
CA CYS A 165 7.66 -14.63 4.43
C CYS A 165 6.70 -15.33 5.40
N ASP A 166 6.18 -14.61 6.37
CA ASP A 166 5.23 -15.23 7.29
C ASP A 166 3.94 -15.66 6.56
N PHE A 167 3.51 -14.83 5.58
CA PHE A 167 2.34 -15.08 4.73
C PHE A 167 2.72 -16.03 3.59
N SER A 168 3.31 -17.17 4.01
CA SER A 168 3.75 -18.30 3.20
C SER A 168 3.41 -19.57 3.98
N ILE A 169 3.26 -20.67 3.26
CA ILE A 169 3.03 -21.98 3.90
C ILE A 169 4.29 -22.84 3.85
N ARG A 170 5.28 -22.45 3.03
CA ARG A 170 6.55 -23.14 2.88
C ARG A 170 7.66 -22.13 3.16
N THR A 171 8.74 -22.56 3.83
CA THR A 171 9.86 -21.69 4.03
C THR A 171 10.88 -22.08 2.95
N TYR A 172 11.32 -21.09 2.20
CA TYR A 172 12.27 -21.31 1.10
C TYR A 172 12.90 -19.95 0.76
N THR A 173 14.07 -20.00 0.14
CA THR A 173 14.64 -18.85 -0.55
C THR A 173 14.83 -19.27 -2.00
N TYR A 174 15.33 -18.36 -2.80
CA TYR A 174 15.61 -18.71 -4.17
C TYR A 174 16.98 -19.40 -4.33
N ALA A 175 17.78 -19.53 -3.28
CA ALA A 175 19.12 -20.09 -3.41
C ALA A 175 19.46 -20.89 -2.15
N ASP A 176 18.70 -21.96 -1.89
CA ASP A 176 18.89 -22.76 -0.68
C ASP A 176 20.07 -23.73 -0.73
N THR A 177 20.59 -24.03 -1.92
CA THR A 177 21.79 -24.85 -2.03
C THR A 177 22.96 -24.09 -1.43
N PRO A 178 23.58 -24.68 -0.39
CA PRO A 178 24.68 -23.99 0.31
C PRO A 178 25.95 -23.69 -0.52
N ASP A 179 26.60 -22.59 -0.15
CA ASP A 179 27.90 -22.21 -0.64
C ASP A 179 27.96 -21.91 -2.14
N ASP A 180 26.81 -21.58 -2.70
CA ASP A 180 26.67 -21.20 -4.10
C ASP A 180 26.84 -19.68 -4.26
N PHE A 181 28.06 -19.19 -4.02
CA PHE A 181 28.28 -17.75 -3.90
C PHE A 181 28.09 -17.07 -5.26
N GLN A 182 28.27 -17.81 -6.34
CA GLN A 182 28.01 -17.23 -7.67
C GLN A 182 26.53 -17.39 -8.07
N LEU A 183 25.74 -18.07 -7.23
CA LEU A 183 24.27 -18.20 -7.40
C LEU A 183 23.90 -18.89 -8.72
N HIS A 184 24.71 -19.87 -9.15
CA HIS A 184 24.39 -20.71 -10.31
C HIS A 184 23.06 -21.47 -10.12
N ASN A 185 22.70 -21.80 -8.88
CA ASN A 185 21.49 -22.55 -8.58
C ASN A 185 20.34 -21.63 -8.11
N PHE A 186 20.48 -20.32 -8.25
CA PHE A 186 19.34 -19.40 -8.05
C PHE A 186 18.20 -19.76 -9.02
N SER A 187 16.97 -19.92 -8.51
CA SER A 187 15.84 -20.18 -9.38
C SER A 187 14.55 -19.83 -8.65
N LEU A 188 13.53 -19.50 -9.45
CA LEU A 188 12.19 -19.26 -8.96
C LEU A 188 11.44 -20.59 -8.85
N PRO A 189 10.85 -20.85 -7.69
CA PRO A 189 10.00 -22.01 -7.47
C PRO A 189 8.58 -21.71 -7.97
N GLU A 190 7.73 -22.71 -7.82
CA GLU A 190 6.37 -22.61 -8.34
C GLU A 190 5.58 -21.51 -7.63
N GLU A 191 5.94 -21.15 -6.39
CA GLU A 191 5.22 -20.07 -5.72
C GLU A 191 5.25 -18.81 -6.62
N ASP A 192 6.38 -18.61 -7.29
CA ASP A 192 6.51 -17.53 -8.26
C ASP A 192 5.97 -17.90 -9.64
N THR A 193 6.43 -19.02 -10.20
CA THR A 193 6.21 -19.27 -11.64
C THR A 193 4.77 -19.72 -11.90
N LYS A 194 4.14 -20.33 -10.91
CA LYS A 194 2.80 -20.91 -11.10
C LYS A 194 1.73 -20.06 -10.43
N LEU A 195 2.09 -19.30 -9.37
CA LEU A 195 1.07 -18.57 -8.60
C LEU A 195 1.23 -17.05 -8.76
N LYS A 196 2.33 -16.47 -8.25
CA LYS A 196 2.44 -15.03 -8.20
C LYS A 196 2.56 -14.41 -9.59
N ILE A 197 3.43 -14.95 -10.43
CA ILE A 197 3.72 -14.34 -11.71
C ILE A 197 2.48 -14.35 -12.62
N PRO A 198 1.84 -15.50 -12.81
CA PRO A 198 0.61 -15.44 -13.61
C PRO A 198 -0.49 -14.50 -13.08
N LEU A 199 -0.65 -14.37 -11.77
CA LEU A 199 -1.67 -13.46 -11.24
C LEU A 199 -1.25 -12.01 -11.49
N ILE A 200 0.04 -11.72 -11.38
CA ILE A 200 0.49 -10.36 -11.64
C ILE A 200 0.20 -10.06 -13.13
N HIS A 201 0.48 -11.01 -14.02
CA HIS A 201 0.23 -10.81 -15.46
C HIS A 201 -1.27 -10.54 -15.70
N ARG A 202 -2.13 -11.25 -14.95
CA ARG A 202 -3.58 -11.07 -15.12
C ARG A 202 -4.00 -9.68 -14.62
N ALA A 203 -3.42 -9.22 -13.51
CA ALA A 203 -3.70 -7.89 -13.01
C ALA A 203 -3.30 -6.82 -14.03
N LEU A 204 -2.13 -6.95 -14.61
CA LEU A 204 -1.63 -6.01 -15.62
C LEU A 204 -2.56 -5.99 -16.84
N GLN A 205 -3.07 -7.15 -17.26
CA GLN A 205 -3.99 -7.16 -18.40
C GLN A 205 -5.27 -6.40 -18.06
N LEU A 206 -5.74 -6.45 -16.82
CA LEU A 206 -7.02 -5.80 -16.46
C LEU A 206 -6.85 -4.29 -16.26
N ALA A 207 -5.65 -3.87 -15.84
CA ALA A 207 -5.37 -2.44 -15.55
C ALA A 207 -5.30 -1.61 -16.83
N GLN A 208 -5.91 -0.43 -16.80
CA GLN A 208 -5.68 0.60 -17.86
C GLN A 208 -4.55 1.53 -17.40
N ARG A 209 -4.36 1.69 -16.10
CA ARG A 209 -3.20 2.45 -15.58
C ARG A 209 -1.94 1.60 -15.56
N PRO A 210 -0.78 2.20 -15.87
CA PRO A 210 0.47 1.43 -15.73
C PRO A 210 0.68 0.98 -14.28
N VAL A 211 1.07 -0.29 -14.08
CA VAL A 211 1.23 -0.84 -12.76
C VAL A 211 2.73 -0.91 -12.43
N SER A 212 3.09 -0.51 -11.21
CA SER A 212 4.46 -0.56 -10.73
C SER A 212 4.63 -1.70 -9.72
N LEU A 213 5.70 -2.47 -9.86
CA LEU A 213 6.01 -3.53 -8.92
C LEU A 213 7.12 -3.07 -7.96
N LEU A 214 6.98 -3.48 -6.71
CA LEU A 214 7.95 -3.20 -5.67
C LEU A 214 8.37 -4.55 -5.05
N ALA A 215 9.68 -4.84 -4.95
CA ALA A 215 10.13 -6.12 -4.40
C ALA A 215 10.79 -5.89 -3.04
N SER A 216 10.56 -6.82 -2.12
CA SER A 216 11.16 -6.75 -0.80
C SER A 216 11.55 -8.16 -0.35
N PRO A 217 12.77 -8.37 0.14
CA PRO A 217 13.14 -9.65 0.76
C PRO A 217 12.94 -9.72 2.28
N TRP A 218 12.61 -10.90 2.78
CA TRP A 218 12.54 -11.10 4.26
C TRP A 218 13.84 -11.74 4.77
N THR A 219 14.23 -12.86 4.20
CA THR A 219 15.49 -13.52 4.57
C THR A 219 16.31 -13.81 3.32
N SER A 220 17.61 -13.85 3.56
CA SER A 220 18.61 -14.43 2.66
C SER A 220 18.64 -15.94 2.85
N PRO A 221 19.26 -16.65 1.89
CA PRO A 221 19.68 -18.02 2.16
C PRO A 221 20.36 -18.14 3.53
N THR A 222 20.12 -19.24 4.23
CA THR A 222 20.55 -19.34 5.62
C THR A 222 22.08 -19.46 5.69
N TRP A 223 22.70 -19.95 4.61
CA TRP A 223 24.16 -20.11 4.60
C TRP A 223 24.87 -18.76 4.46
N LEU A 224 24.13 -17.66 4.25
CA LEU A 224 24.72 -16.32 4.29
C LEU A 224 24.56 -15.67 5.67
N LYS A 225 23.92 -16.37 6.62
CA LYS A 225 23.49 -15.72 7.87
C LYS A 225 24.27 -16.26 9.07
N THR A 226 24.49 -15.36 10.03
CA THR A 226 25.27 -15.65 11.24
C THR A 226 24.60 -16.75 12.07
N ASN A 227 23.26 -16.85 12.02
CA ASN A 227 22.54 -17.83 12.85
C ASN A 227 22.14 -19.07 12.03
N GLY A 228 22.33 -19.10 10.72
CA GLY A 228 22.05 -20.30 9.93
C GLY A 228 20.59 -20.73 9.98
N ALA A 229 19.67 -19.78 10.14
CA ALA A 229 18.22 -20.04 10.17
C ALA A 229 17.48 -18.92 9.46
N VAL A 230 16.26 -19.20 8.97
CA VAL A 230 15.47 -18.16 8.25
C VAL A 230 14.98 -17.10 9.24
N ASN A 231 14.77 -17.48 10.50
CA ASN A 231 14.15 -16.65 11.51
C ASN A 231 15.14 -16.47 12.66
N GLY A 232 14.72 -15.92 13.79
CA GLY A 232 15.63 -15.71 14.91
C GLY A 232 16.52 -14.50 14.67
N LYS A 233 17.31 -14.18 15.69
CA LYS A 233 18.26 -13.08 15.62
C LYS A 233 19.44 -13.47 14.71
N GLY A 234 19.63 -12.71 13.63
CA GLY A 234 20.75 -12.98 12.76
C GLY A 234 20.80 -12.02 11.58
N SER A 235 22.03 -11.79 11.13
CA SER A 235 22.36 -10.87 10.06
C SER A 235 23.18 -11.61 9.00
N LEU A 236 23.52 -10.91 7.94
CA LEU A 236 24.56 -11.40 7.03
C LEU A 236 25.87 -11.61 7.79
N LYS A 237 26.55 -12.69 7.46
CA LYS A 237 27.89 -12.93 7.97
C LYS A 237 28.85 -11.86 7.42
N GLY A 238 29.94 -11.63 8.13
CA GLY A 238 30.98 -10.75 7.64
C GLY A 238 30.59 -9.29 7.75
N GLN A 239 31.04 -8.50 6.77
CA GLN A 239 30.82 -7.05 6.73
CA GLN A 239 30.82 -7.05 6.73
C GLN A 239 30.60 -6.64 5.27
N PRO A 240 29.84 -5.54 5.06
CA PRO A 240 29.65 -4.93 3.73
C PRO A 240 30.97 -4.86 2.95
N GLY A 241 30.88 -5.19 1.67
CA GLY A 241 32.00 -5.22 0.73
C GLY A 241 32.62 -6.60 0.60
N ASP A 242 32.24 -7.58 1.43
CA ASP A 242 32.79 -8.93 1.33
C ASP A 242 31.91 -9.91 0.54
N ILE A 243 32.38 -11.13 0.45
CA ILE A 243 31.75 -12.18 -0.39
C ILE A 243 30.29 -12.38 0.01
N TYR A 244 30.00 -12.34 1.31
CA TYR A 244 28.63 -12.62 1.75
C TYR A 244 27.71 -11.50 1.28
N HIS A 245 28.18 -10.26 1.46
CA HIS A 245 27.39 -9.07 1.12
C HIS A 245 27.26 -8.90 -0.40
N GLN A 246 28.33 -9.19 -1.12
CA GLN A 246 28.30 -9.14 -2.58
C GLN A 246 27.36 -10.22 -3.14
N THR A 247 27.33 -11.40 -2.52
CA THR A 247 26.46 -12.46 -2.98
C THR A 247 24.99 -12.05 -2.74
N TRP A 248 24.73 -11.47 -1.57
CA TRP A 248 23.37 -11.01 -1.26
C TRP A 248 22.95 -9.91 -2.25
N ALA A 249 23.83 -8.94 -2.54
CA ALA A 249 23.49 -7.89 -3.55
C ALA A 249 23.21 -8.54 -4.91
N ARG A 250 24.03 -9.52 -5.29
CA ARG A 250 23.87 -10.21 -6.58
C ARG A 250 22.53 -10.98 -6.61
N TYR A 251 22.04 -11.44 -5.48
CA TYR A 251 20.73 -12.13 -5.41
C TYR A 251 19.62 -11.18 -5.83
N PHE A 252 19.73 -9.89 -5.49
CA PHE A 252 18.70 -8.97 -5.97
C PHE A 252 18.70 -8.90 -7.49
N VAL A 253 19.89 -8.84 -8.11
CA VAL A 253 19.98 -8.80 -9.57
C VAL A 253 19.47 -10.12 -10.17
N LYS A 254 19.81 -11.26 -9.57
CA LYS A 254 19.28 -12.58 -10.03
C LYS A 254 17.75 -12.59 -10.00
N PHE A 255 17.18 -12.05 -8.93
CA PHE A 255 15.73 -11.92 -8.76
C PHE A 255 15.13 -11.09 -9.90
N LEU A 256 15.69 -9.91 -10.14
CA LEU A 256 15.21 -9.04 -11.20
C LEU A 256 15.39 -9.69 -12.58
N ASP A 257 16.55 -10.31 -12.82
CA ASP A 257 16.75 -11.05 -14.03
C ASP A 257 15.67 -12.12 -14.24
N ALA A 258 15.33 -12.83 -13.18
CA ALA A 258 14.41 -13.95 -13.28
C ALA A 258 12.99 -13.45 -13.60
N TYR A 259 12.55 -12.42 -12.91
CA TYR A 259 11.23 -11.83 -13.18
C TYR A 259 11.24 -11.24 -14.61
N ALA A 260 12.36 -10.66 -15.04
CA ALA A 260 12.45 -10.09 -16.39
C ALA A 260 12.32 -11.17 -17.48
N GLU A 261 12.87 -12.37 -17.25
CA GLU A 261 12.62 -13.52 -18.14
C GLU A 261 11.11 -13.83 -18.25
N HIS A 262 10.34 -13.51 -17.23
CA HIS A 262 8.87 -13.67 -17.22
C HIS A 262 8.16 -12.38 -17.65
N LYS A 263 8.91 -11.44 -18.22
CA LYS A 263 8.42 -10.20 -18.82
C LYS A 263 7.83 -9.29 -17.72
N LEU A 264 8.41 -9.32 -16.52
CA LEU A 264 8.01 -8.37 -15.48
C LEU A 264 9.23 -7.55 -15.05
N GLN A 265 9.03 -6.24 -14.98
CA GLN A 265 10.06 -5.29 -14.59
C GLN A 265 9.57 -4.55 -13.34
N PHE A 266 10.51 -4.16 -12.51
CA PHE A 266 10.24 -3.54 -11.25
C PHE A 266 10.48 -2.03 -11.33
N TRP A 267 9.61 -1.32 -10.63
CA TRP A 267 9.77 0.12 -10.34
C TRP A 267 10.83 0.30 -9.23
N ALA A 268 10.77 -0.51 -8.17
CA ALA A 268 11.64 -0.31 -6.99
C ALA A 268 11.85 -1.63 -6.26
N VAL A 269 12.90 -1.65 -5.44
CA VAL A 269 13.16 -2.70 -4.44
C VAL A 269 13.41 -1.99 -3.10
N THR A 270 13.12 -2.66 -2.01
CA THR A 270 13.55 -2.16 -0.72
C THR A 270 14.79 -2.92 -0.30
N ALA A 271 15.55 -2.32 0.61
CA ALA A 271 16.88 -2.86 0.96
C ALA A 271 16.75 -4.09 1.88
N GLU A 272 15.58 -4.34 2.44
CA GLU A 272 15.24 -5.42 3.39
C GLU A 272 13.88 -5.08 4.00
N ASN A 273 12.97 -6.05 4.04
CA ASN A 273 11.76 -5.89 4.83
C ASN A 273 12.10 -5.84 6.32
N GLU A 274 11.69 -4.78 7.00
CA GLU A 274 11.83 -4.67 8.44
C GLU A 274 13.19 -5.16 8.97
N PRO A 275 14.26 -4.48 8.57
CA PRO A 275 15.62 -4.85 9.04
C PRO A 275 15.77 -4.87 10.57
N SER A 276 14.99 -4.07 11.30
CA SER A 276 15.08 -4.03 12.76
C SER A 276 14.65 -5.38 13.35
N ALA A 277 13.78 -6.12 12.67
CA ALA A 277 13.23 -7.37 13.23
C ALA A 277 14.32 -8.43 13.41
N GLY A 278 15.29 -8.53 12.49
CA GLY A 278 16.35 -9.56 12.62
C GLY A 278 17.39 -9.27 13.69
N LEU A 279 17.28 -8.15 14.39
CA LEU A 279 18.14 -7.83 15.51
C LEU A 279 17.54 -8.38 16.81
N LEU A 280 16.33 -8.96 16.74
CA LEU A 280 15.56 -9.32 17.95
C LEU A 280 15.66 -10.81 18.25
N SER A 281 16.10 -11.15 19.46
CA SER A 281 16.17 -12.51 19.92
C SER A 281 14.80 -13.21 19.74
N GLY A 282 14.82 -14.43 19.21
CA GLY A 282 13.60 -15.23 19.02
C GLY A 282 12.66 -14.70 17.94
N TYR A 283 13.10 -13.81 17.05
CA TYR A 283 12.16 -13.31 16.07
C TYR A 283 11.50 -14.50 15.35
N PRO A 284 10.14 -14.58 15.32
CA PRO A 284 9.52 -15.87 14.95
C PRO A 284 9.52 -16.29 13.47
N PHE A 285 9.73 -15.36 12.54
CA PHE A 285 9.68 -15.74 11.12
C PHE A 285 10.82 -15.06 10.34
N GLN A 286 10.78 -15.24 9.03
CA GLN A 286 11.83 -14.83 8.12
C GLN A 286 12.21 -13.38 8.35
N CYS A 287 13.51 -13.19 8.54
CA CYS A 287 14.06 -11.88 8.76
C CYS A 287 15.57 -11.85 8.43
N LEU A 288 16.12 -10.65 8.44
CA LEU A 288 17.55 -10.46 8.22
C LEU A 288 17.91 -9.12 8.87
N GLY A 289 18.69 -9.20 9.94
CA GLY A 289 18.88 -8.02 10.77
C GLY A 289 19.91 -7.07 10.21
N PHE A 290 19.59 -5.78 10.16
CA PHE A 290 20.56 -4.71 9.89
C PHE A 290 20.31 -3.57 10.89
N THR A 291 21.38 -3.13 11.57
CA THR A 291 21.40 -1.81 12.19
C THR A 291 21.36 -0.76 11.08
N PRO A 292 21.03 0.50 11.41
CA PRO A 292 21.09 1.49 10.35
C PRO A 292 22.49 1.68 9.74
N GLU A 293 23.55 1.56 10.54
CA GLU A 293 24.96 1.60 10.06
C GLU A 293 25.21 0.42 9.09
N HIS A 294 24.70 -0.77 9.42
CA HIS A 294 24.87 -1.92 8.56
C HIS A 294 24.14 -1.70 7.22
N GLN A 295 22.92 -1.20 7.29
CA GLN A 295 22.19 -0.94 6.05
C GLN A 295 22.91 0.16 5.25
N ARG A 296 23.36 1.21 5.90
CA ARG A 296 24.11 2.29 5.24
C ARG A 296 25.27 1.71 4.41
N ASP A 297 26.11 0.93 5.07
CA ASP A 297 27.31 0.37 4.43
C ASP A 297 26.98 -0.69 3.37
N PHE A 298 25.97 -1.49 3.61
CA PHE A 298 25.55 -2.46 2.61
C PHE A 298 25.05 -1.75 1.34
N ILE A 299 24.25 -0.70 1.50
CA ILE A 299 23.81 0.08 0.34
C ILE A 299 25.00 0.72 -0.38
N ALA A 300 25.91 1.34 0.38
CA ALA A 300 27.03 2.09 -0.21
C ALA A 300 28.00 1.14 -0.92
N ARG A 301 28.26 -0.03 -0.34
CA ARG A 301 29.40 -0.84 -0.81
C ARG A 301 28.93 -1.95 -1.75
N ASP A 302 27.70 -2.46 -1.54
CA ASP A 302 27.23 -3.66 -2.23
C ASP A 302 25.98 -3.44 -3.09
N LEU A 303 24.86 -3.10 -2.49
CA LEU A 303 23.59 -3.12 -3.21
C LEU A 303 23.54 -1.99 -4.25
N GLY A 304 23.92 -0.79 -3.86
CA GLY A 304 23.88 0.37 -4.74
C GLY A 304 24.71 0.16 -5.99
N PRO A 305 26.02 -0.08 -5.79
CA PRO A 305 26.92 -0.36 -6.89
C PRO A 305 26.46 -1.55 -7.73
N THR A 306 25.95 -2.62 -7.12
CA THR A 306 25.57 -3.82 -7.89
C THR A 306 24.34 -3.49 -8.77
N LEU A 307 23.34 -2.80 -8.21
CA LEU A 307 22.16 -2.45 -9.03
C LEU A 307 22.56 -1.48 -10.15
N ALA A 308 23.39 -0.51 -9.80
CA ALA A 308 23.81 0.53 -10.77
C ALA A 308 24.59 -0.09 -11.93
N ASN A 309 25.33 -1.18 -11.72
CA ASN A 309 26.12 -1.85 -12.78
C ASN A 309 25.30 -2.88 -13.58
N SER A 310 24.02 -3.07 -13.26
CA SER A 310 23.21 -4.09 -13.93
C SER A 310 22.29 -3.46 -14.98
N THR A 311 21.59 -4.31 -15.73
CA THR A 311 20.60 -3.85 -16.68
C THR A 311 19.41 -3.20 -15.95
N HIS A 312 19.33 -3.35 -14.62
CA HIS A 312 18.22 -2.91 -13.82
C HIS A 312 18.55 -1.60 -13.11
N HIS A 313 19.50 -0.84 -13.66
CA HIS A 313 19.99 0.37 -12.98
C HIS A 313 18.86 1.38 -12.74
N ASN A 314 17.77 1.32 -13.54
CA ASN A 314 16.65 2.24 -13.43
C ASN A 314 15.70 1.88 -12.28
N VAL A 315 15.84 0.70 -11.71
CA VAL A 315 15.05 0.32 -10.55
C VAL A 315 15.47 1.20 -9.36
N ARG A 316 14.49 1.76 -8.64
CA ARG A 316 14.73 2.63 -7.51
C ARG A 316 15.01 1.78 -6.27
N LEU A 317 15.83 2.31 -5.35
CA LEU A 317 16.13 1.64 -4.11
C LEU A 317 15.52 2.43 -2.94
N LEU A 318 14.71 1.76 -2.14
CA LEU A 318 14.07 2.37 -0.99
C LEU A 318 14.70 1.77 0.28
N MET A 319 15.07 2.65 1.19
CA MET A 319 15.63 2.24 2.46
C MET A 319 14.52 2.12 3.51
N LEU A 320 14.92 1.62 4.67
CA LEU A 320 14.14 1.42 5.89
C LEU A 320 13.13 0.27 5.73
N ASP A 321 11.97 0.50 5.06
CA ASP A 321 10.91 -0.54 4.88
C ASP A 321 10.53 -1.12 6.25
N ASP A 322 10.26 -0.21 7.17
CA ASP A 322 10.08 -0.54 8.57
C ASP A 322 9.24 0.56 9.25
N GLN A 323 9.01 0.37 10.55
CA GLN A 323 8.06 1.22 11.27
C GLN A 323 8.62 2.63 11.49
N ARG A 324 7.71 3.58 11.67
CA ARG A 324 8.09 5.01 11.59
C ARG A 324 8.89 5.51 12.80
N LEU A 325 8.86 4.86 13.98
CA LEU A 325 9.60 5.39 15.11
C LEU A 325 11.11 5.20 14.93
N LEU A 326 11.52 4.49 13.87
CA LEU A 326 12.94 4.40 13.51
C LEU A 326 13.39 5.69 12.81
N LEU A 327 12.46 6.56 12.49
CA LEU A 327 12.78 7.85 11.88
C LEU A 327 12.64 8.98 12.92
N PRO A 328 13.42 10.05 12.75
CA PRO A 328 14.35 10.29 11.64
C PRO A 328 15.74 9.63 11.76
N HIS A 329 16.04 8.98 12.88
CA HIS A 329 17.37 8.41 13.15
C HIS A 329 17.93 7.59 11.98
N TRP A 330 17.15 6.68 11.43
CA TRP A 330 17.63 5.79 10.38
C TRP A 330 18.00 6.57 9.13
N ALA A 331 17.15 7.54 8.80
CA ALA A 331 17.38 8.43 7.66
C ALA A 331 18.67 9.23 7.88
N LYS A 332 18.88 9.72 9.12
CA LYS A 332 20.08 10.48 9.44
C LYS A 332 21.31 9.57 9.21
N VAL A 333 21.25 8.33 9.72
CA VAL A 333 22.45 7.48 9.68
C VAL A 333 22.77 7.18 8.21
N VAL A 334 21.77 6.83 7.42
CA VAL A 334 22.03 6.41 6.05
C VAL A 334 22.33 7.61 5.13
N LEU A 335 21.53 8.67 5.21
CA LEU A 335 21.51 9.68 4.15
C LEU A 335 22.56 10.77 4.40
N THR A 336 23.17 10.79 5.58
CA THR A 336 24.26 11.75 5.79
C THR A 336 25.59 11.15 5.30
N ASP A 337 25.60 9.88 4.88
CA ASP A 337 26.78 9.29 4.21
C ASP A 337 26.61 9.47 2.70
N PRO A 338 27.40 10.36 2.06
CA PRO A 338 27.15 10.64 0.65
C PRO A 338 27.27 9.37 -0.23
N GLU A 339 28.16 8.44 0.13
CA GLU A 339 28.32 7.20 -0.65
C GLU A 339 27.06 6.30 -0.56
N ALA A 340 26.34 6.30 0.57
CA ALA A 340 25.06 5.60 0.62
C ALA A 340 23.95 6.46 -0.01
N ALA A 341 23.95 7.77 0.31
CA ALA A 341 22.88 8.64 -0.10
C ALA A 341 22.69 8.63 -1.61
N LYS A 342 23.78 8.49 -2.37
CA LYS A 342 23.67 8.63 -3.82
C LYS A 342 22.92 7.45 -4.43
N TYR A 343 22.68 6.38 -3.67
CA TYR A 343 21.99 5.22 -4.19
C TYR A 343 20.54 5.14 -3.69
N VAL A 344 20.14 5.99 -2.74
CA VAL A 344 18.83 5.85 -2.08
C VAL A 344 17.85 6.84 -2.72
N HIS A 345 16.81 6.29 -3.32
CA HIS A 345 15.76 7.09 -3.96
C HIS A 345 14.67 7.46 -2.96
N GLY A 346 14.47 6.66 -1.92
CA GLY A 346 13.26 6.90 -1.10
C GLY A 346 13.38 6.18 0.22
N ILE A 347 12.45 6.50 1.11
CA ILE A 347 12.34 5.86 2.40
C ILE A 347 10.97 5.19 2.47
N ALA A 348 10.97 3.86 2.61
CA ALA A 348 9.77 3.07 2.72
C ALA A 348 9.40 2.90 4.20
N VAL A 349 8.11 3.12 4.52
CA VAL A 349 7.64 3.03 5.90
CA VAL A 349 7.61 3.06 5.88
C VAL A 349 6.46 2.05 5.98
N HIS A 350 6.40 1.35 7.11
CA HIS A 350 5.33 0.43 7.45
C HIS A 350 4.43 1.07 8.50
N TRP A 351 3.11 0.85 8.35
CA TRP A 351 2.07 1.30 9.28
C TRP A 351 1.38 0.11 9.91
N TYR A 352 1.62 -0.18 11.20
CA TYR A 352 0.79 -1.15 11.91
C TYR A 352 -0.35 -0.36 12.55
N LEU A 353 -1.52 -0.41 11.92
CA LEU A 353 -2.59 0.53 12.26
C LEU A 353 -3.19 0.23 13.64
N ASP A 354 -2.91 -0.95 14.20
CA ASP A 354 -3.32 -1.27 15.56
C ASP A 354 -2.60 -0.50 16.65
N PHE A 355 -1.52 0.20 16.31
CA PHE A 355 -0.62 0.75 17.32
C PHE A 355 -0.43 2.26 17.07
N LEU A 356 -0.25 2.98 18.17
CA LEU A 356 -0.05 4.43 18.15
C LEU A 356 1.43 4.77 17.94
N ALA A 357 1.70 5.77 17.11
CA ALA A 357 3.03 6.38 17.07
C ALA A 357 2.91 7.79 16.47
N PRO A 358 3.84 8.69 16.82
CA PRO A 358 3.76 10.06 16.34
C PRO A 358 4.01 10.13 14.82
N ALA A 359 3.34 11.05 14.12
CA ALA A 359 3.55 11.27 12.66
C ALA A 359 4.47 12.49 12.46
N LYS A 360 4.20 13.57 13.18
CA LYS A 360 4.98 14.80 12.99
C LYS A 360 6.46 14.59 13.35
N ALA A 361 6.77 13.98 14.50
CA ALA A 361 8.15 13.77 14.94
C ALA A 361 8.87 12.71 14.10
N THR A 362 8.15 11.89 13.34
CA THR A 362 8.79 10.82 12.50
C THR A 362 8.82 11.26 11.03
N LEU A 363 7.70 11.16 10.33
CA LEU A 363 7.56 11.58 8.91
C LEU A 363 7.86 13.07 8.71
N GLY A 364 7.29 13.90 9.57
CA GLY A 364 7.45 15.36 9.41
C GLY A 364 8.90 15.80 9.53
N GLU A 365 9.54 15.34 10.59
CA GLU A 365 10.93 15.67 10.83
C GLU A 365 11.82 15.08 9.74
N THR A 366 11.50 13.88 9.22
CA THR A 366 12.32 13.30 8.16
C THR A 366 12.21 14.12 6.87
N HIS A 367 10.99 14.56 6.56
CA HIS A 367 10.81 15.43 5.42
C HIS A 367 11.56 16.75 5.62
N ARG A 368 11.59 17.28 6.83
CA ARG A 368 12.25 18.59 7.06
C ARG A 368 13.77 18.44 6.85
N LEU A 369 14.34 17.35 7.37
CA LEU A 369 15.79 17.11 7.28
C LEU A 369 16.19 16.65 5.88
N PHE A 370 15.31 15.89 5.17
CA PHE A 370 15.66 15.25 3.89
C PHE A 370 14.54 15.46 2.87
N PRO A 371 14.26 16.73 2.54
CA PRO A 371 13.07 17.00 1.69
C PRO A 371 13.15 16.41 0.27
N ASN A 372 14.34 16.05 -0.18
CA ASN A 372 14.51 15.58 -1.55
C ASN A 372 14.44 14.06 -1.64
N THR A 373 14.26 13.37 -0.51
CA THR A 373 14.17 11.91 -0.50
C THR A 373 12.72 11.52 -0.24
N MET A 374 12.05 10.94 -1.22
CA MET A 374 10.64 10.71 -1.07
C MET A 374 10.36 9.70 0.08
N LEU A 375 9.21 9.89 0.70
CA LEU A 375 8.63 8.96 1.68
C LEU A 375 7.51 8.17 0.98
N PHE A 376 7.44 6.86 1.27
CA PHE A 376 6.53 5.96 0.60
C PHE A 376 6.04 4.93 1.62
N ALA A 377 4.74 4.70 1.73
CA ALA A 377 4.25 3.69 2.68
C ALA A 377 4.15 2.36 1.93
N SER A 378 4.98 1.40 2.35
CA SER A 378 5.14 0.12 1.64
C SER A 378 4.34 -1.01 2.22
N GLU A 379 3.75 -0.86 3.39
CA GLU A 379 2.99 -1.93 3.97
C GLU A 379 2.14 -1.33 5.10
N ALA A 380 0.90 -1.75 5.15
CA ALA A 380 0.03 -1.37 6.25
C ALA A 380 -0.88 -2.56 6.57
N CYS A 381 -1.20 -2.74 7.85
CA CYS A 381 -2.20 -3.76 8.17
C CYS A 381 -2.85 -3.48 9.52
N VAL A 382 -3.95 -4.19 9.74
CA VAL A 382 -4.71 -4.12 10.95
C VAL A 382 -5.09 -5.55 11.36
N GLY A 383 -5.40 -5.73 12.63
CA GLY A 383 -5.84 -7.03 13.13
C GLY A 383 -4.72 -7.90 13.67
N SER A 384 -3.52 -7.35 13.86
CA SER A 384 -2.33 -8.19 14.17
C SER A 384 -2.23 -8.50 15.67
N LYS A 385 -2.92 -7.74 16.53
CA LYS A 385 -2.93 -7.98 17.99
C LYS A 385 -3.53 -9.37 18.25
N PHE A 386 -2.89 -10.19 19.08
CA PHE A 386 -3.36 -11.60 19.27
C PHE A 386 -4.78 -11.61 19.84
N TRP A 387 -5.16 -10.55 20.56
CA TRP A 387 -6.39 -10.55 21.33
C TRP A 387 -7.55 -9.94 20.59
N GLU A 388 -7.31 -9.54 19.37
CA GLU A 388 -8.36 -9.06 18.55
C GLU A 388 -8.58 -10.05 17.41
N GLN A 389 -9.81 -10.17 16.98
CA GLN A 389 -10.15 -11.07 15.91
C GLN A 389 -9.38 -10.61 14.67
N SER A 390 -8.66 -11.54 14.01
CA SER A 390 -7.81 -11.20 12.90
C SER A 390 -8.65 -10.62 11.77
N VAL A 391 -9.75 -11.28 11.48
CA VAL A 391 -10.67 -10.84 10.48
C VAL A 391 -11.99 -10.44 11.14
N ARG A 392 -12.35 -9.16 10.99
CA ARG A 392 -13.62 -8.67 11.49
C ARG A 392 -14.47 -8.26 10.29
N LEU A 393 -15.30 -9.19 9.82
CA LEU A 393 -16.08 -8.98 8.58
C LEU A 393 -17.10 -7.85 8.79
N GLY A 394 -16.83 -6.73 8.14
CA GLY A 394 -17.75 -5.61 8.12
C GLY A 394 -17.35 -4.52 9.12
N SER A 395 -16.11 -4.56 9.64
CA SER A 395 -15.66 -3.55 10.61
C SER A 395 -15.53 -2.16 9.98
N TRP A 396 -16.43 -1.24 10.33
CA TRP A 396 -16.26 0.17 9.85
C TRP A 396 -15.04 0.81 10.52
N ASP A 397 -14.83 0.48 11.77
CA ASP A 397 -13.65 1.04 12.46
C ASP A 397 -12.35 0.76 11.72
N ARG A 398 -12.16 -0.47 11.25
CA ARG A 398 -10.94 -0.81 10.55
C ARG A 398 -10.87 -0.08 9.21
N GLY A 399 -12.00 0.10 8.54
CA GLY A 399 -12.02 0.96 7.36
C GLY A 399 -11.57 2.37 7.70
N MET A 400 -12.11 2.93 8.79
CA MET A 400 -11.71 4.32 9.17
C MET A 400 -10.22 4.38 9.52
N GLN A 401 -9.67 3.30 10.09
CA GLN A 401 -8.22 3.25 10.35
C GLN A 401 -7.44 3.37 9.05
N TYR A 402 -7.88 2.69 8.00
CA TYR A 402 -7.24 2.76 6.71
C TYR A 402 -7.30 4.19 6.14
N SER A 403 -8.48 4.80 6.06
CA SER A 403 -8.57 6.11 5.40
C SER A 403 -7.90 7.19 6.27
N HIS A 404 -8.03 7.13 7.57
CA HIS A 404 -7.34 8.09 8.40
C HIS A 404 -5.82 7.98 8.23
N SER A 405 -5.32 6.76 8.08
CA SER A 405 -3.87 6.53 7.87
C SER A 405 -3.44 7.12 6.53
N ILE A 406 -4.22 6.86 5.50
CA ILE A 406 -3.89 7.38 4.21
C ILE A 406 -3.88 8.91 4.24
N ILE A 407 -4.93 9.52 4.83
CA ILE A 407 -4.97 10.99 4.92
C ILE A 407 -3.72 11.50 5.66
N THR A 408 -3.42 10.89 6.81
CA THR A 408 -2.25 11.28 7.62
C THR A 408 -0.98 11.16 6.77
N ASN A 409 -0.81 10.04 6.10
CA ASN A 409 0.37 9.86 5.19
C ASN A 409 0.45 10.96 4.14
N LEU A 410 -0.67 11.23 3.47
CA LEU A 410 -0.63 12.23 2.38
C LEU A 410 -0.35 13.64 2.92
N LEU A 411 -0.83 13.96 4.13
CA LEU A 411 -0.58 15.29 4.74
C LEU A 411 0.85 15.41 5.27
N TYR A 412 1.57 14.31 5.41
CA TYR A 412 2.97 14.29 5.79
C TYR A 412 3.88 13.87 4.64
N HIS A 413 3.48 14.20 3.42
CA HIS A 413 4.37 14.24 2.25
C HIS A 413 4.59 12.84 1.64
N VAL A 414 3.88 11.83 2.11
CA VAL A 414 4.13 10.46 1.62
C VAL A 414 3.52 10.33 0.23
N VAL A 415 4.23 9.67 -0.71
CA VAL A 415 3.86 9.67 -2.16
C VAL A 415 3.00 8.46 -2.55
N GLY A 416 2.79 7.52 -1.67
CA GLY A 416 2.06 6.31 -2.02
C GLY A 416 1.75 5.49 -0.80
N TRP A 417 0.82 4.55 -0.96
CA TRP A 417 0.36 3.74 0.19
C TRP A 417 0.05 2.34 -0.35
N THR A 418 0.71 1.37 0.26
CA THR A 418 0.63 -0.04 -0.15
C THR A 418 0.08 -0.89 0.99
N ASP A 419 -1.06 -1.53 0.72
CA ASP A 419 -1.65 -2.46 1.68
C ASP A 419 -0.77 -3.71 1.73
N TRP A 420 -1.02 -4.50 2.75
CA TRP A 420 -0.40 -5.81 2.88
C TRP A 420 -1.18 -6.83 2.06
N ASN A 421 -1.43 -8.04 2.53
CA ASN A 421 -1.95 -9.11 1.68
C ASN A 421 -3.19 -8.67 0.91
N LEU A 422 -3.21 -8.92 -0.41
CA LEU A 422 -4.38 -8.56 -1.20
C LEU A 422 -5.64 -9.34 -0.81
N ALA A 423 -5.49 -10.58 -0.31
CA ALA A 423 -6.66 -11.42 0.06
C ALA A 423 -6.22 -12.40 1.15
N LEU A 424 -7.07 -12.65 2.12
CA LEU A 424 -6.83 -13.67 3.11
C LEU A 424 -8.08 -14.52 3.31
N ASN A 425 -7.89 -15.62 4.02
CA ASN A 425 -9.02 -16.50 4.36
C ASN A 425 -9.71 -15.93 5.62
N PRO A 426 -10.84 -16.54 6.05
CA PRO A 426 -11.57 -16.02 7.21
C PRO A 426 -10.80 -16.06 8.53
N GLU A 427 -9.72 -16.84 8.58
CA GLU A 427 -8.85 -16.91 9.75
C GLU A 427 -7.77 -15.82 9.68
N GLY A 428 -7.62 -15.14 8.54
CA GLY A 428 -6.57 -14.16 8.30
C GLY A 428 -5.27 -14.82 7.86
N GLY A 429 -5.39 -15.98 7.20
CA GLY A 429 -4.22 -16.75 6.76
C GLY A 429 -4.34 -17.15 5.29
N PRO A 430 -3.56 -18.13 4.86
CA PRO A 430 -2.63 -18.92 5.70
C PRO A 430 -1.36 -18.15 6.10
N ASN A 431 -0.74 -18.64 7.16
CA ASN A 431 0.46 -18.02 7.70
C ASN A 431 1.17 -19.08 8.52
N TRP A 432 2.41 -19.44 8.16
CA TRP A 432 3.05 -20.60 8.74
C TRP A 432 3.35 -20.43 10.23
N VAL A 433 3.36 -19.21 10.77
CA VAL A 433 3.55 -19.02 12.21
C VAL A 433 2.27 -18.50 12.86
N ARG A 434 1.15 -18.56 12.14
CA ARG A 434 -0.17 -18.22 12.72
C ARG A 434 -0.23 -16.71 13.08
N ASN A 435 0.51 -15.90 12.34
CA ASN A 435 0.55 -14.45 12.54
C ASN A 435 -0.54 -13.81 11.67
N PHE A 436 -1.78 -14.17 11.99
CA PHE A 436 -2.93 -13.82 11.16
C PHE A 436 -3.31 -12.34 11.32
N VAL A 437 -3.83 -11.74 10.24
CA VAL A 437 -4.24 -10.33 10.25
C VAL A 437 -5.48 -10.19 9.35
N ASP A 438 -6.01 -8.98 9.23
CA ASP A 438 -7.13 -8.70 8.34
C ASP A 438 -6.67 -8.33 6.95
N SER A 439 -7.61 -8.34 6.02
CA SER A 439 -7.33 -7.98 4.61
C SER A 439 -8.59 -7.33 4.03
N PRO A 440 -8.44 -6.40 3.07
CA PRO A 440 -9.64 -5.81 2.46
C PRO A 440 -10.56 -6.81 1.72
N ILE A 441 -10.02 -7.95 1.29
CA ILE A 441 -10.81 -8.99 0.68
C ILE A 441 -10.56 -10.32 1.39
N ILE A 442 -11.66 -10.93 1.81
CA ILE A 442 -11.67 -12.19 2.54
C ILE A 442 -12.33 -13.29 1.66
N VAL A 443 -11.60 -14.38 1.45
CA VAL A 443 -12.09 -15.47 0.57
CA VAL A 443 -12.11 -15.47 0.56
C VAL A 443 -12.70 -16.58 1.42
N ASP A 444 -13.90 -17.04 1.02
CA ASP A 444 -14.51 -18.21 1.62
C ASP A 444 -14.71 -19.27 0.55
N ILE A 445 -13.72 -20.15 0.45
CA ILE A 445 -13.59 -21.14 -0.62
C ILE A 445 -14.78 -22.10 -0.58
N THR A 446 -15.32 -22.38 0.61
CA THR A 446 -16.40 -23.37 0.74
C THR A 446 -17.69 -22.88 0.08
N LYS A 447 -17.81 -21.56 -0.13
CA LYS A 447 -18.98 -20.97 -0.81
C LYS A 447 -18.57 -20.34 -2.15
N ASP A 448 -17.32 -20.53 -2.55
CA ASP A 448 -16.77 -19.85 -3.70
C ASP A 448 -17.18 -18.38 -3.70
N THR A 449 -16.98 -17.74 -2.55
CA THR A 449 -17.43 -16.38 -2.29
C THR A 449 -16.22 -15.58 -1.80
N PHE A 450 -16.23 -14.27 -2.03
CA PHE A 450 -15.30 -13.36 -1.34
C PHE A 450 -16.10 -12.13 -0.87
N TYR A 451 -15.59 -11.56 0.22
CA TYR A 451 -16.20 -10.45 0.91
C TYR A 451 -15.31 -9.23 0.82
N LYS A 452 -15.88 -8.09 0.37
CA LYS A 452 -15.16 -6.84 0.30
C LYS A 452 -15.46 -6.06 1.58
N GLN A 453 -14.41 -5.85 2.36
CA GLN A 453 -14.47 -5.22 3.66
C GLN A 453 -14.64 -3.71 3.54
N PRO A 454 -15.13 -3.08 4.60
CA PRO A 454 -15.05 -1.60 4.62
C PRO A 454 -13.66 -1.07 4.22
N MET A 455 -12.58 -1.72 4.67
CA MET A 455 -11.20 -1.32 4.30
CA MET A 455 -11.21 -1.33 4.31
C MET A 455 -11.04 -1.21 2.79
N PHE A 456 -11.64 -2.12 2.02
CA PHE A 456 -11.54 -2.04 0.56
C PHE A 456 -12.08 -0.69 0.05
N TYR A 457 -13.27 -0.28 0.52
CA TYR A 457 -13.92 0.96 0.04
C TYR A 457 -13.13 2.16 0.57
N HIS A 458 -12.72 2.12 1.83
CA HIS A 458 -11.92 3.24 2.36
C HIS A 458 -10.64 3.45 1.55
N LEU A 459 -9.94 2.38 1.18
CA LEU A 459 -8.72 2.51 0.31
C LEU A 459 -9.16 3.04 -1.06
N GLY A 460 -10.23 2.48 -1.60
CA GLY A 460 -10.67 2.85 -2.95
C GLY A 460 -11.09 4.31 -3.13
N HIS A 461 -11.59 4.93 -2.07
CA HIS A 461 -11.89 6.38 -2.03
C HIS A 461 -10.66 7.20 -2.43
N PHE A 462 -9.44 6.63 -2.26
CA PHE A 462 -8.22 7.25 -2.69
C PHE A 462 -7.72 6.63 -4.01
N SER A 463 -7.54 5.29 -4.04
CA SER A 463 -6.87 4.66 -5.16
C SER A 463 -7.62 4.91 -6.46
N LYS A 464 -8.96 4.89 -6.40
CA LYS A 464 -9.71 5.00 -7.63
C LYS A 464 -9.60 6.40 -8.27
N PHE A 465 -9.38 7.43 -7.43
CA PHE A 465 -9.61 8.83 -7.79
C PHE A 465 -8.33 9.66 -7.75
N ILE A 466 -7.18 9.01 -7.56
CA ILE A 466 -5.88 9.71 -7.49
C ILE A 466 -4.90 9.01 -8.44
N PRO A 467 -4.90 9.41 -9.72
CA PRO A 467 -3.95 8.84 -10.68
C PRO A 467 -2.48 9.11 -10.31
N GLU A 468 -1.58 8.21 -10.71
CA GLU A 468 -0.17 8.46 -10.63
C GLU A 468 0.16 9.82 -11.24
N GLY A 469 0.98 10.59 -10.53
CA GLY A 469 1.39 11.91 -11.03
C GLY A 469 0.51 13.04 -10.51
N SER A 470 -0.55 12.71 -9.79
CA SER A 470 -1.37 13.70 -9.06
C SER A 470 -0.48 14.40 -8.04
N GLN A 471 -0.84 15.62 -7.68
CA GLN A 471 -0.05 16.36 -6.73
C GLN A 471 -0.94 16.76 -5.57
N ARG A 472 -0.49 16.49 -4.36
CA ARG A 472 -1.20 16.97 -3.20
C ARG A 472 -1.15 18.52 -3.20
N VAL A 473 -2.30 19.15 -2.89
CA VAL A 473 -2.35 20.61 -2.74
C VAL A 473 -2.96 20.98 -1.40
N GLY A 474 -2.90 22.25 -1.08
CA GLY A 474 -3.41 22.68 0.21
C GLY A 474 -4.91 22.73 0.26
N LEU A 475 -5.42 22.69 1.49
CA LEU A 475 -6.86 22.77 1.79
C LEU A 475 -7.00 23.37 3.18
N VAL A 476 -7.58 24.55 3.28
CA VAL A 476 -7.56 25.32 4.54
C VAL A 476 -8.97 25.39 5.12
N ALA A 477 -9.12 24.94 6.37
CA ALA A 477 -10.40 24.99 7.07
C ALA A 477 -10.58 26.38 7.70
N SER A 478 -11.81 26.89 7.61
CA SER A 478 -12.15 28.23 8.13
C SER A 478 -12.32 28.23 9.65
N GLN A 479 -12.58 27.07 10.24
CA GLN A 479 -12.82 26.95 11.66
C GLN A 479 -12.46 25.54 12.10
N LYS A 480 -12.30 25.41 13.41
CA LYS A 480 -12.06 24.15 14.06
C LYS A 480 -13.20 23.18 13.69
N ASN A 481 -12.86 21.94 13.41
CA ASN A 481 -13.85 20.96 12.97
C ASN A 481 -13.31 19.56 13.23
N ASP A 482 -14.23 18.58 13.13
CA ASP A 482 -13.98 17.17 13.45
C ASP A 482 -13.76 16.30 12.20
N LEU A 483 -13.52 16.92 11.04
CA LEU A 483 -13.35 16.18 9.78
C LEU A 483 -11.87 15.99 9.46
N ASP A 484 -11.58 14.91 8.76
CA ASP A 484 -10.28 14.66 8.19
C ASP A 484 -10.38 14.82 6.68
N ALA A 485 -9.49 15.58 6.07
CA ALA A 485 -9.62 15.82 4.65
C ALA A 485 -8.26 16.04 3.97
N VAL A 486 -8.23 15.79 2.67
CA VAL A 486 -7.03 16.00 1.86
C VAL A 486 -7.51 16.36 0.45
N ALA A 487 -6.76 17.23 -0.20
CA ALA A 487 -7.01 17.70 -1.57
C ALA A 487 -5.82 17.40 -2.47
N LEU A 488 -6.08 17.02 -3.72
CA LEU A 488 -5.02 16.79 -4.70
C LEU A 488 -5.49 17.28 -6.06
N MET A 489 -4.55 17.44 -6.96
CA MET A 489 -4.79 17.89 -8.33
C MET A 489 -4.28 16.81 -9.26
N HIS A 490 -5.15 16.38 -10.17
CA HIS A 490 -4.79 15.36 -11.17
C HIS A 490 -3.78 15.95 -12.15
N PRO A 491 -3.03 15.09 -12.86
CA PRO A 491 -2.15 15.57 -13.95
C PRO A 491 -2.88 16.47 -14.97
N ASP A 492 -4.17 16.22 -15.22
CA ASP A 492 -4.90 17.02 -16.18
C ASP A 492 -5.54 18.29 -15.58
N GLY A 493 -5.29 18.56 -14.29
CA GLY A 493 -5.69 19.79 -13.63
C GLY A 493 -6.95 19.64 -12.81
N SER A 494 -7.61 18.47 -12.89
CA SER A 494 -8.89 18.25 -12.19
C SER A 494 -8.65 18.14 -10.68
N ALA A 495 -9.67 18.44 -9.89
CA ALA A 495 -9.57 18.43 -8.43
C ALA A 495 -10.20 17.16 -7.86
N VAL A 496 -9.59 16.68 -6.78
CA VAL A 496 -10.14 15.62 -5.99
C VAL A 496 -9.97 15.96 -4.50
N VAL A 497 -11.04 15.77 -3.74
CA VAL A 497 -10.99 16.00 -2.30
C VAL A 497 -11.63 14.81 -1.59
N VAL A 498 -10.94 14.28 -0.58
CA VAL A 498 -11.50 13.18 0.23
C VAL A 498 -11.82 13.77 1.60
N VAL A 499 -13.03 13.48 2.08
CA VAL A 499 -13.51 13.95 3.39
C VAL A 499 -13.98 12.73 4.20
N LEU A 500 -13.31 12.54 5.32
CA LEU A 500 -13.61 11.44 6.27
C LEU A 500 -14.22 12.03 7.54
N ASN A 501 -15.34 11.45 7.98
CA ASN A 501 -15.98 11.83 9.21
C ASN A 501 -16.00 10.64 10.16
N ARG A 502 -15.10 10.66 11.16
CA ARG A 502 -15.03 9.62 12.17
C ARG A 502 -15.97 9.87 13.35
N SER A 503 -16.69 10.99 13.34
CA SER A 503 -17.65 11.36 14.39
C SER A 503 -19.04 10.83 14.04
N SER A 504 -19.92 10.88 15.04
CA SER A 504 -21.30 10.43 14.90
C SER A 504 -22.18 11.56 14.31
N LYS A 505 -21.66 12.75 14.14
CA LYS A 505 -22.52 13.92 13.80
C LYS A 505 -22.40 14.28 12.33
N ASP A 506 -23.54 14.59 11.71
CA ASP A 506 -23.53 15.05 10.33
C ASP A 506 -23.01 16.50 10.34
N VAL A 507 -22.07 16.80 9.47
CA VAL A 507 -21.41 18.11 9.47
C VAL A 507 -21.66 18.75 8.10
N PRO A 508 -22.50 19.81 8.05
CA PRO A 508 -22.63 20.57 6.80
C PRO A 508 -21.29 21.28 6.53
N LEU A 509 -20.91 21.35 5.26
CA LEU A 509 -19.73 22.15 4.91
C LEU A 509 -19.81 22.63 3.46
N THR A 510 -18.90 23.55 3.17
CA THR A 510 -18.76 24.08 1.83
C THR A 510 -17.30 23.92 1.41
N ILE A 511 -17.08 23.46 0.20
CA ILE A 511 -15.73 23.41 -0.38
C ILE A 511 -15.66 24.57 -1.38
N LYS A 512 -14.65 25.43 -1.22
CA LYS A 512 -14.46 26.54 -2.14
C LYS A 512 -13.24 26.25 -3.02
N ASP A 513 -13.44 26.33 -4.32
CA ASP A 513 -12.36 26.35 -5.32
C ASP A 513 -12.36 27.76 -5.83
N PRO A 514 -11.34 28.55 -5.43
CA PRO A 514 -11.36 29.96 -5.75
C PRO A 514 -11.48 30.27 -7.25
N ALA A 515 -11.00 29.37 -8.11
CA ALA A 515 -11.11 29.63 -9.56
C ALA A 515 -12.54 29.35 -10.06
N VAL A 516 -13.31 28.50 -9.40
CA VAL A 516 -14.40 27.73 -10.05
C VAL A 516 -15.72 27.96 -9.32
N GLY A 517 -15.71 27.95 -7.99
CA GLY A 517 -16.91 28.21 -7.19
C GLY A 517 -17.00 27.31 -5.97
N PHE A 518 -18.24 27.07 -5.54
CA PHE A 518 -18.54 26.44 -4.25
C PHE A 518 -19.34 25.16 -4.41
N LEU A 519 -18.95 24.17 -3.61
CA LEU A 519 -19.60 22.86 -3.47
C LEU A 519 -20.28 22.87 -2.10
N GLU A 520 -21.60 22.95 -2.09
CA GLU A 520 -22.36 22.90 -0.84
C GLU A 520 -22.67 21.42 -0.59
N THR A 521 -22.27 20.93 0.57
CA THR A 521 -22.41 19.52 0.81
C THR A 521 -22.57 19.27 2.32
N ILE A 522 -22.56 18.00 2.62
CA ILE A 522 -22.69 17.50 3.97
C ILE A 522 -21.74 16.32 4.12
N SER A 523 -21.09 16.22 5.28
CA SER A 523 -20.30 15.03 5.63
C SER A 523 -21.08 14.27 6.71
N PRO A 524 -21.85 13.25 6.32
CA PRO A 524 -22.58 12.50 7.36
C PRO A 524 -21.66 11.85 8.41
N GLY A 525 -22.16 11.69 9.62
CA GLY A 525 -21.42 10.92 10.59
C GLY A 525 -21.09 9.52 10.07
N TYR A 526 -19.90 9.03 10.40
CA TYR A 526 -19.39 7.73 9.97
C TYR A 526 -19.52 7.57 8.45
N SER A 527 -18.98 8.54 7.72
CA SER A 527 -18.96 8.50 6.26
C SER A 527 -17.56 8.79 5.73
N ILE A 528 -17.41 8.46 4.46
CA ILE A 528 -16.28 8.95 3.71
C ILE A 528 -16.80 9.31 2.31
N HIS A 529 -16.35 10.45 1.84
CA HIS A 529 -16.73 10.99 0.55
C HIS A 529 -15.49 11.30 -0.29
N THR A 530 -15.57 11.04 -1.58
CA THR A 530 -14.62 11.63 -2.51
C THR A 530 -15.35 12.53 -3.51
N TYR A 531 -14.87 13.78 -3.65
CA TYR A 531 -15.41 14.79 -4.55
C TYR A 531 -14.46 14.98 -5.73
N LEU A 532 -14.98 15.08 -6.95
CA LEU A 532 -14.17 15.33 -8.14
C LEU A 532 -14.86 16.39 -9.01
N TRP A 533 -14.06 17.27 -9.60
CA TRP A 533 -14.58 18.20 -10.55
C TRP A 533 -13.48 18.68 -11.50
N ARG A 534 -13.93 19.09 -12.67
CA ARG A 534 -13.12 19.82 -13.61
C ARG A 534 -12.94 21.27 -13.17
N ARG A 535 -11.75 21.82 -13.50
CA ARG A 535 -11.39 23.20 -13.16
C ARG A 535 -11.06 24.02 -14.44
N GLN A 536 -11.76 25.08 -14.72
CA GLN A 536 -11.26 26.06 -15.74
C GLN A 536 -11.03 27.43 -15.10
C1 NAG B . -23.95 -15.25 -6.35
C2 NAG B . -24.85 -16.48 -6.53
C3 NAG B . -26.21 -16.03 -7.06
C4 NAG B . -26.79 -14.86 -6.30
C5 NAG B . -25.77 -13.74 -6.21
C6 NAG B . -26.23 -12.50 -5.45
C7 NAG B . -23.71 -18.58 -7.18
C8 NAG B . -23.05 -19.30 -8.29
N2 NAG B . -24.18 -17.36 -7.48
O3 NAG B . -27.12 -17.16 -7.05
O4 NAG B . -27.92 -14.39 -7.04
O5 NAG B . -24.57 -14.23 -5.60
O6 NAG B . -26.61 -12.82 -4.12
O7 NAG B . -23.82 -19.06 -6.05
H1 NAG B . -23.76 -14.86 -7.36
H2 NAG B . -24.98 -16.98 -5.57
H3 NAG B . -26.07 -15.72 -8.10
H4 NAG B . -27.09 -15.19 -5.28
H5 NAG B . -25.54 -13.43 -7.24
H61 NAG B . -27.06 -12.04 -5.97
H62 NAG B . -25.39 -11.80 -5.44
H81 NAG B . -22.07 -18.93 -8.42
H82 NAG B . -23.01 -20.34 -8.07
H83 NAG B . -23.60 -19.15 -9.19
HN2 NAG B . -24.06 -17.01 -8.43
HO3 NAG B . -27.95 -16.90 -7.47
HO6 NAG B . -26.89 -12.03 -3.65
C1 NAG B . -29.09 -14.15 -6.23
C2 NAG B . -30.05 -13.26 -6.97
C3 NAG B . -31.28 -13.01 -6.12
C4 NAG B . -31.92 -14.30 -5.67
C5 NAG B . -30.89 -15.20 -5.01
C6 NAG B . -31.41 -16.61 -4.72
C7 NAG B . -28.91 -11.71 -8.46
C8 NAG B . -28.31 -10.33 -8.52
N2 NAG B . -29.41 -12.00 -7.29
O3 NAG B . -32.19 -12.28 -6.95
O4 NAG B . -33.03 -13.98 -4.77
O5 NAG B . -29.78 -15.35 -5.91
O6 NAG B . -31.83 -17.19 -5.96
O7 NAG B . -28.92 -12.47 -9.42
H1 NAG B . -28.80 -13.64 -5.29
H2 NAG B . -30.36 -13.77 -7.90
H3 NAG B . -30.99 -12.41 -5.25
H4 NAG B . -32.32 -14.81 -6.55
H5 NAG B . -30.55 -14.74 -4.07
H61 NAG B . -32.26 -16.55 -4.03
H62 NAG B . -30.64 -17.22 -4.26
H81 NAG B . -27.53 -10.26 -7.80
H82 NAG B . -27.92 -10.15 -9.49
H83 NAG B . -29.06 -9.61 -8.30
HN2 NAG B . -29.36 -11.30 -6.56
HO3 NAG B . -32.98 -12.07 -6.45
HO4 NAG B . -33.48 -14.80 -4.52
HO6 NAG B . -32.17 -18.09 -5.80
C1 NAG C . 28.87 -5.51 -14.11
C2 NAG C . 29.44 -6.74 -13.43
C3 NAG C . 30.21 -7.58 -14.45
C4 NAG C . 29.23 -8.09 -15.49
C5 NAG C . 28.49 -6.92 -16.13
C6 NAG C . 27.31 -7.47 -16.94
C7 NAG C . 30.01 -6.58 -11.02
C8 NAG C . 28.69 -7.22 -10.66
N2 NAG C . 30.31 -6.39 -12.31
O3 NAG C . 30.86 -8.66 -13.79
O4 NAG C . 29.91 -8.83 -16.53
O5 NAG C . 28.00 -5.95 -15.17
O6 NAG C . 27.38 -7.02 -18.30
O7 NAG C . 30.80 -6.25 -10.16
H1 NAG C . 29.70 -4.95 -14.55
H2 NAG C . 28.61 -7.35 -13.08
H3 NAG C . 30.96 -6.93 -14.94
H4 NAG C . 28.50 -8.72 -14.98
H5 NAG C . 29.17 -6.42 -16.83
H61 NAG C . 26.37 -7.13 -16.49
H62 NAG C . 27.31 -8.56 -16.93
H81 NAG C . 28.64 -8.20 -11.05
H82 NAG C . 28.62 -7.26 -9.60
H83 NAG C . 27.90 -6.65 -11.05
HN2 NAG C . 31.19 -5.96 -12.55
HO3 NAG C . 31.36 -9.21 -14.39
HO6 NAG C . 26.65 -7.39 -18.77
C1 NAG C . 29.67 -10.26 -16.46
C2 NAG C . 29.79 -10.93 -17.83
C3 NAG C . 29.69 -12.46 -17.72
C4 NAG C . 30.66 -12.98 -16.68
C5 NAG C . 30.40 -12.29 -15.35
C6 NAG C . 31.34 -12.76 -14.25
C7 NAG C . 29.01 -10.01 -19.98
C8 NAG C . 27.81 -9.56 -20.77
N2 NAG C . 28.76 -10.46 -18.75
O3 NAG C . 29.95 -13.07 -18.98
O4 NAG C . 30.52 -14.40 -16.55
O5 NAG C . 30.56 -10.87 -15.51
O6 NAG C . 31.25 -14.18 -14.09
O7 NAG C . 30.13 -9.94 -20.46
H1 NAG C . 28.63 -10.44 -16.12
H2 NAG C . 30.79 -10.70 -18.24
H3 NAG C . 28.66 -12.71 -17.39
H4 NAG C . 31.68 -12.74 -17.01
H5 NAG C . 29.36 -12.51 -15.04
H61 NAG C . 31.09 -12.27 -13.32
H62 NAG C . 32.37 -12.50 -14.51
H81 NAG C . 27.29 -8.80 -20.24
H82 NAG C . 28.11 -9.19 -21.71
H83 NAG C . 27.15 -10.39 -20.91
HN2 NAG C . 27.81 -10.48 -18.41
HO3 NAG C . 29.86 -14.04 -18.90
HO4 NAG C . 31.17 -14.76 -15.90
HO6 NAG C . 31.86 -14.52 -13.40
C1 NAG D . -24.74 35.67 -6.83
C2 NAG D . -26.20 35.89 -7.23
C3 NAG D . -26.23 36.99 -8.30
C4 NAG D . -25.76 38.29 -7.63
C5 NAG D . -24.37 38.10 -7.04
C6 NAG D . -23.95 39.33 -6.23
C7 NAG D . -26.47 33.78 -8.52
C8 NAG D . -27.41 32.62 -8.71
N2 NAG D . -26.89 34.67 -7.63
O3 NAG D . -27.55 37.13 -8.85
O4 NAG D . -25.74 39.36 -8.57
O5 NAG D . -24.27 36.90 -6.24
O6 NAG D . -24.94 39.73 -5.27
O7 NAG D . -25.43 33.88 -9.14
H1 NAG D . -24.15 35.47 -7.73
H2 NAG D . -26.71 36.28 -6.35
H3 NAG D . -25.52 36.73 -9.09
H4 NAG D . -26.47 38.52 -6.82
H5 NAG D . -23.67 38.01 -7.88
H61 NAG D . -23.76 40.16 -6.91
H62 NAG D . -23.01 39.11 -5.70
H81 NAG D . -28.36 32.98 -9.04
H82 NAG D . -27.01 31.96 -9.44
H83 NAG D . -27.53 32.12 -7.79
HN2 NAG D . -27.78 34.50 -7.16
HO3 NAG D . -27.35 37.59 -9.64
HO4 NAG D . -25.32 40.08 -8.03
HO6 NAG D . -25.22 40.51 -4.72
K K E . 17.16 -22.69 -6.15
K K F . -5.28 -11.15 15.55
C1 PEG G . -29.40 3.98 5.29
O1 PEG G . -30.06 3.23 6.31
C2 PEG G . -29.67 3.37 3.92
O2 PEG G . -28.54 3.54 3.06
C3 PEG G . -27.65 2.43 3.10
C4 PEG G . -28.07 1.33 2.12
O4 PEG G . -27.78 0.06 2.71
H11 PEG G . -29.74 5.02 5.30
H12 PEG G . -28.32 3.99 5.47
HO1 PEG G . -29.81 3.76 7.04
H21 PEG G . -29.93 2.32 4.03
H22 PEG G . -30.54 3.87 3.48
H31 PEG G . -26.65 2.76 2.84
H32 PEG G . -27.61 2.02 4.11
H41 PEG G . -29.13 1.41 1.90
H42 PEG G . -27.52 1.45 1.18
HO4 PEG G . -28.04 -0.65 2.10
C1 EDO H . -20.75 24.74 10.63
O1 EDO H . -19.37 25.06 10.84
C2 EDO H . -20.87 23.65 9.57
O2 EDO H . -20.10 22.51 9.96
H11 EDO H . -21.18 24.38 11.57
H12 EDO H . -21.31 25.63 10.32
HO1 EDO H . -20.09 25.91 11.36
H21 EDO H . -21.92 23.35 9.50
H22 EDO H . -20.57 24.01 8.60
HO2 EDO H . -20.12 21.87 9.24
C1 EDO I . 5.68 -3.70 -15.49
O1 EDO I . 5.14 -3.77 -14.16
C2 EDO I . 6.00 -5.12 -15.86
O2 EDO I . 7.06 -5.13 -16.81
H11 EDO I . 4.93 -3.28 -16.18
H12 EDO I . 6.57 -3.07 -15.50
HO1 EDO I . 5.01 -2.92 -13.81
H21 EDO I . 6.26 -5.70 -14.97
H22 EDO I . 5.12 -5.58 -16.31
HO2 EDO I . 7.81 -4.62 -16.46
C1 PEG J . -10.67 9.89 -11.66
O1 PEG J . -9.40 9.27 -11.93
C2 PEG J . -11.82 8.97 -12.06
O2 PEG J . -12.81 9.71 -12.79
C3 PEG J . -14.14 9.23 -12.62
C4 PEG J . -14.77 10.06 -11.51
O4 PEG J . -14.67 11.45 -11.87
H11 PEG J . -10.74 10.13 -10.60
H12 PEG J . -10.74 10.82 -12.22
HO1 PEG J . -8.70 9.92 -11.68
H21 PEG J . -11.44 8.16 -12.69
H22 PEG J . -12.25 8.53 -11.17
H31 PEG J . -14.70 9.34 -13.54
H32 PEG J . -14.15 8.17 -12.34
H41 PEG J . -15.80 9.78 -11.37
H42 PEG J . -14.23 9.89 -10.57
HO4 PEG J . -15.05 12.00 -11.16
S SO4 K . -16.24 -2.43 14.55
O1 SO4 K . -14.93 -3.14 14.39
O2 SO4 K . -16.44 -1.39 13.49
O3 SO4 K . -17.38 -3.41 14.57
O4 SO4 K . -16.21 -1.69 15.85
C1 A1IBR L . -6.35 19.00 11.20
C3 A1IBR L . -8.05 17.21 11.38
C6 A1IBR L . -9.59 17.01 13.39
C7 A1IBR L . -9.48 17.29 14.75
C8 A1IBR L . -10.04 16.46 15.69
C10 A1IBR L . -10.86 15.05 13.94
C11 A1IBR L . -10.30 15.88 13.00
C15 A1IBR L . -5.76 16.18 9.38
C16 A1IBR L . -4.44 16.40 9.71
C19 A1IBR L . -4.11 14.02 9.93
C22 A1IBR L . -6.27 14.90 9.32
N2 A1IBR L . -7.29 18.11 10.50
C4 A1IBR L . -8.97 17.93 12.35
N5 A1IBR L . -10.01 18.67 11.57
C9 A1IBR L . -10.74 15.34 15.29
S12 A1IBR L . -6.81 17.56 9.04
O13 A1IBR L . -7.97 17.07 8.35
O14 A1IBR L . -6.02 18.60 8.45
C17 A1IBR L . -3.64 15.31 9.97
F18 A1IBR L . -2.33 15.51 10.29
C20 A1IBR L . -5.43 13.85 9.60
F21 A1IBR L . -5.93 12.58 9.54
H27 A1IBR L . -5.50 19.02 10.72
H28 A1IBR L . -6.21 18.68 12.10
H29 A1IBR L . -6.72 19.91 11.23
H30 A1IBR L . -7.40 16.66 11.90
H31 A1IBR L . -8.58 16.59 10.83
H32 A1IBR L . -8.99 18.06 15.03
H33 A1IBR L . -9.95 16.65 16.62
H35 A1IBR L . -11.34 14.27 13.66
H36 A1IBR L . -10.38 15.69 12.07
H37 A1IBR L . -4.08 17.28 9.75
H38 A1IBR L . -3.54 13.27 10.12
H39 A1IBR L . -7.19 14.74 9.10
H23 A1IBR L . -8.44 18.61 12.84
H26 A1IBR L . -10.84 18.36 11.81
H24 A1IBR L . -9.88 18.54 10.69
H34 A1IBR L . -11.13 14.76 15.93
H25 A1IBR L . -9.97 19.56 11.75
#